data_1AXO
#
_entry.id   1AXO
#
_cell.length_a   1.000
_cell.length_b   1.000
_cell.length_c   1.000
_cell.angle_alpha   90.00
_cell.angle_beta   90.00
_cell.angle_gamma   90.00
#
_symmetry.space_group_name_H-M   'P 1'
#
loop_
_entity.id
_entity.type
_entity.pdbx_description
1 polymer 'DNA DUPLEX D(AAC-[BP]G-CTACCATCC)D(GGATGGTAGC)'
2 polymer 'DNA DUPLEX D(AAC-[BP]G-CTACCATCC)D(GGATGGTAGC)'
3 non-polymer 1,2,3-TRIHYDROXY-1,2,3,4-TETRAHYDROBENZO[A]PYRENE
#
loop_
_entity_poly.entity_id
_entity_poly.type
_entity_poly.pdbx_seq_one_letter_code
_entity_poly.pdbx_strand_id
1 'polydeoxyribonucleotide' (DA)(DA)(DC)(DG)(DC)(DT)(DA)(DC)(DC)(DA)(DT)(DC)(DC) A
2 'polydeoxyribonucleotide' (DG)(DG)(DA)(DT)(DG)(DG)(DT)(DA)(DG)(DC) B
#
loop_
_chem_comp.id
_chem_comp.type
_chem_comp.name
_chem_comp.formula
BAP non-polymer 1,2,3-TRIHYDROXY-1,2,3,4-TETRAHYDROBENZO[A]PYRENE 'C20 H16 O3'
DA DNA linking 2'-DEOXYADENOSINE-5'-MONOPHOSPHATE 'C10 H14 N5 O6 P'
DC DNA linking 2'-DEOXYCYTIDINE-5'-MONOPHOSPHATE 'C9 H14 N3 O7 P'
DG DNA linking 2'-DEOXYGUANOSINE-5'-MONOPHOSPHATE 'C10 H14 N5 O7 P'
DT DNA linking THYMIDINE-5'-MONOPHOSPHATE 'C10 H15 N2 O8 P'
#
# COMPACT_ATOMS: atom_id res chain seq x y z
C1 BAP C . 3.56 -2.85 1.16
C2 BAP C . 2.83 -3.92 1.75
C3 BAP C . 1.40 -3.93 1.75
C3A BAP C . 0.70 -2.82 1.15
C4 BAP C . -0.71 -2.81 1.15
C5 BAP C . -1.42 -1.75 0.58
C5A BAP C . -0.73 -0.65 -0.02
C6 BAP C . -1.47 0.46 -0.60
C7 BAP C . -0.74 1.56 -1.20
C8 BAP C . 0.71 1.53 -1.21
C8A BAP C . 1.42 0.45 -0.62
C9 BAP C . 2.87 0.45 -0.62
C10 BAP C . 3.58 -0.64 -0.03
C1A BAP C . 2.86 -1.75 0.57
C3B BAP C . 1.42 -1.74 0.56
C5B BAP C . 0.71 -0.64 -0.03
C1' BAP C . -1.39 2.94 -1.24
O1' BAP C . -0.89 3.24 -2.55
C2' BAP C . -2.92 2.92 -1.19
O2' BAP C . -3.42 4.26 -1.06
C3' BAP C . -3.35 2.13 0.01
O3' BAP C . -2.75 2.74 1.19
C4' BAP C . -2.90 0.68 -0.09
H1 BAP C . 4.56 -2.91 1.19
H2 BAP C . 3.35 -4.69 2.14
H3 BAP C . 0.90 -4.69 2.15
H4 BAP C . -1.27 -3.55 1.53
H5 BAP C . -2.42 -1.82 0.63
H8 BAP C . 1.22 2.26 -1.67
H9 BAP C . 3.37 1.19 -1.03
H10 BAP C . 4.57 -0.60 -0.02
H1' BAP C . -0.97 3.55 -0.44
HO1 BAP C . -0.23 3.50 -3.19
H2' BAP C . -3.32 2.48 -2.10
HO2 BAP C . -2.77 4.43 -0.37
H3' BAP C . -4.43 2.10 0.10
HO3 BAP C . -1.79 2.85 1.15
H4'2 BAP C . -3.19 0.21 0.86
C1 BAP C . 4.09 -2.29 1.06
C2 BAP C . 3.51 -3.44 1.65
C3 BAP C . 2.10 -3.59 1.70
C3A BAP C . 1.25 -2.56 1.14
C4 BAP C . -0.15 -2.69 1.19
C5 BAP C . -1.02 -1.70 0.68
C5A BAP C . -0.48 -0.52 0.07
C6 BAP C . -1.37 0.51 -0.45
C7 BAP C . -0.79 1.71 -1.07
C8 BAP C . 0.65 1.83 -1.14
C8A BAP C . 1.51 0.80 -0.61
C9 BAP C . 2.93 0.95 -0.67
C10 BAP C . 3.79 -0.07 -0.12
C1A BAP C . 3.24 -1.25 0.49
C3B BAP C . 1.82 -1.40 0.54
C5B BAP C . 0.95 -0.36 -0.01
C1' BAP C . -1.56 3.03 -1.04
O1' BAP C . -1.16 3.47 -2.34
C2' BAP C . -3.06 2.86 -0.98
O2' BAP C . -3.70 4.13 -0.79
C3' BAP C . -3.40 1.91 0.17
O3' BAP C . -2.89 2.43 1.41
C4' BAP C . -2.82 0.52 0.05
H1 BAP C . 5.10 -2.26 1.06
H2 BAP C . 4.13 -4.13 2.05
H3 BAP C . 1.69 -4.39 2.13
H4 BAP C . -0.60 -3.50 1.57
H5 BAP C . -1.99 -1.90 0.77
H8 BAP C . 1.05 2.61 -1.64
H9 BAP C . 3.33 1.76 -1.08
H10 BAP C . 4.78 0.08 -0.18
H1' BAP C . -1.24 3.69 -0.24
HO1 BAP C . -0.61 3.36 -3.12
H2' BAP C . -3.32 2.43 -1.94
HO2 BAP C . -3.46 4.74 -0.09
H3' BAP C . -4.48 1.78 0.19
HO3 BAP C . -2.24 2.88 1.95
H4'2 BAP C . -3.08 -0.01 0.96
C1 BAP C . 3.59 -2.90 1.10
C2 BAP C . 2.92 -4.00 1.67
C3 BAP C . 1.49 -4.02 1.71
C3A BAP C . 0.79 -2.90 1.17
C4 BAP C . -0.63 -2.85 1.18
C5 BAP C . -1.31 -1.76 0.65
C5A BAP C . -0.57 -0.65 0.09
C6 BAP C . -1.22 0.51 -0.46
C7 BAP C . -0.39 1.60 -1.02
C8 BAP C . 1.06 1.43 -0.99
C8A BAP C . 1.63 0.34 -0.46
C9 BAP C . 3.05 0.29 -0.47
C10 BAP C . 3.69 -0.78 0.05
C1A BAP C . 2.93 -1.85 0.59
C3B BAP C . 1.52 -1.82 0.61
C5B BAP C . 0.86 -0.71 0.08
C1' BAP C . -0.96 3.02 -1.07
O1' BAP C . -0.48 3.41 -2.37
C2' BAP C . -2.50 3.02 -1.10
O2' BAP C . -3.06 4.34 -1.09
C3' BAP C . -3.04 2.18 0.06
O3' BAP C . -2.47 2.67 1.29
C4' BAP C . -2.67 0.73 -0.09
H1 BAP C . 4.58 -2.79 1.02
H2 BAP C . 3.50 -4.74 2.01
H3 BAP C . 0.98 -4.79 2.10
H4 BAP C . -1.19 -3.61 1.54
H5 BAP C . -2.30 -1.82 0.71
H8 BAP C . 1.83 1.98 -1.32
H9 BAP C . 3.60 1.04 -0.86
H10 BAP C . 4.69 -0.75 0.02
H1' BAP C . -0.50 3.61 -0.28
HO1 BAP C . -0.35 3.07 -3.27
H2' BAP C . -2.79 2.55 -2.04
HO2 BAP C . -2.83 4.58 -0.19
H3' BAP C . -4.13 2.12 0.13
HO3 BAP C . -1.99 2.11 1.91
H4'2 BAP C . -2.98 0.21 0.81
C1 BAP C . 3.48 -2.78 1.23
C2 BAP C . 2.86 -3.89 1.81
C3 BAP C . 1.44 -3.98 1.84
C3A BAP C . 0.69 -2.94 1.26
C4 BAP C . -0.73 -2.97 1.25
C5 BAP C . -1.45 -1.92 0.69
C5A BAP C . -0.76 -0.80 0.10
C6 BAP C . -1.48 0.31 -0.48
C7 BAP C . -0.70 1.42 -1.05
C8 BAP C . 0.76 1.33 -1.00
C8A BAP C . 1.38 0.29 -0.46
C9 BAP C . 2.80 0.32 -0.45
C10 BAP C . 3.49 -0.69 0.11
C1A BAP C . 2.78 -1.78 0.68
C3B BAP C . 1.37 -1.83 0.67
C5B BAP C . 0.66 -0.78 0.10
C1' BAP C . -1.32 2.81 -1.08
O1' BAP C . -0.71 3.19 -2.32
C2' BAP C . -2.85 2.76 -1.19
O2' BAP C . -3.42 4.08 -1.15
C3' BAP C . -3.43 1.91 -0.06
O3' BAP C . -3.17 2.49 1.23
C4' BAP C . -2.93 0.49 -0.08
H1 BAP C . 4.47 -2.61 1.17
H2 BAP C . 3.49 -4.57 2.19
H3 BAP C . 0.98 -4.77 2.25
H4 BAP C . -1.25 -3.72 1.64
H5 BAP C . -2.45 -2.03 0.73
H8 BAP C . 1.49 1.92 -1.35
H9 BAP C . 3.32 1.09 -0.84
H10 BAP C . 4.48 -0.60 0.11
H1' BAP C . -0.91 3.38 -0.24
HO1 BAP C . -1.23 2.90 -3.07
H2' BAP C . -3.10 2.34 -2.16
HO2 BAP C . -3.02 4.40 -1.96
H3' BAP C . -4.50 1.73 -0.18
HO3 BAP C . -2.45 2.06 1.69
H4'2 BAP C . -3.25 -0.02 0.83
C1 BAP C . 3.56 -2.99 1.16
C2 BAP C . 2.83 -4.04 1.81
C3 BAP C . 1.40 -4.05 1.79
C3A BAP C . 0.69 -3.02 1.10
C4 BAP C . -0.72 -3.02 1.07
C5 BAP C . -1.44 -2.02 0.40
C5A BAP C . -0.77 -0.94 -0.27
C6 BAP C . -1.51 0.10 -0.96
C7 BAP C . -0.81 1.16 -1.66
C8 BAP C . 0.66 1.15 -1.65
C8A BAP C . 1.39 0.12 -0.96
C9 BAP C . 2.83 0.13 -0.93
C10 BAP C . 3.55 -0.90 -0.23
C1A BAP C . 2.85 -1.95 0.45
C3B BAP C . 1.41 -1.97 0.43
C5B BAP C . 0.68 -0.92 -0.27
C1' BAP C . -1.51 2.50 -1.84
O1' BAP C . -0.87 2.83 -3.10
C2' BAP C . -3.04 2.37 -1.96
O2' BAP C . -3.71 3.63 -2.15
C3' BAP C . -3.55 1.67 -0.70
O3' BAP C . -3.17 2.38 0.49
C4' BAP C . -3.00 0.27 -0.60
H1 BAP C . 4.55 -3.04 1.20
H2 BAP C . 3.36 -4.74 2.27
H3 BAP C . 0.91 -4.79 2.25
H4 BAP C . -1.27 -3.73 1.50
H5 BAP C . -2.43 -2.12 0.46
H8 BAP C . 1.14 1.85 -2.18
H9 BAP C . 3.36 0.84 -1.38
H10 BAP C . 4.55 -0.84 -0.22
H1' BAP C . -1.24 3.20 -1.05
HO1 BAP C . -0.02 2.67 -3.52
H2' BAP C . -3.26 1.77 -2.84
HO2 BAP C . -3.04 3.63 -2.83
H3' BAP C . -4.63 1.52 -0.67
HO3 BAP C . -2.60 3.13 0.69
H4'2 BAP C . -3.28 -0.11 0.38
C1 BAP C . 3.48 -3.36 1.29
C2 BAP C . 2.73 -4.42 1.83
C3 BAP C . 1.31 -4.37 1.85
C3A BAP C . 0.67 -3.22 1.30
C4 BAP C . -0.73 -3.09 1.28
C5 BAP C . -1.33 -1.96 0.73
C5A BAP C . -0.51 -0.90 0.19
C6 BAP C . -1.10 0.28 -0.36
C7 BAP C . -0.20 1.32 -0.90
C8 BAP C . 1.23 1.07 -0.84
C8A BAP C . 1.74 -0.03 -0.31
C9 BAP C . 3.14 -0.15 -0.28
C10 BAP C . 3.72 -1.25 0.25
C1A BAP C . 2.89 -2.28 0.77
C3B BAP C . 1.48 -2.17 0.76
C5B BAP C . 0.89 -1.04 0.22
C1' BAP C . -0.72 2.74 -1.05
O1' BAP C . -0.03 3.00 -2.28
C2' BAP C . -2.24 2.80 -1.23
O2' BAP C . -2.69 4.16 -1.30
C3' BAP C . -2.91 2.06 -0.06
O3' BAP C . -2.52 2.70 1.17
C4' BAP C . -2.54 0.59 -0.04
H1 BAP C . 4.47 -3.31 1.23
H2 BAP C . 3.28 -5.18 2.18
H3 BAP C . 0.76 -5.12 2.23
H4 BAP C . -1.35 -3.79 1.62
H5 BAP C . -2.33 -1.97 0.77
H8 BAP C . 2.03 1.59 -1.16
H9 BAP C . 3.73 0.57 -0.65
H10 BAP C . 4.72 -1.28 0.25
H1' BAP C . -0.35 3.38 -0.25
HO1 BAP C . 0.91 2.86 -2.47
H2' BAP C . -2.51 2.31 -2.17
HO2 BAP C . -2.35 4.11 -2.20
H3' BAP C . -4.00 2.00 -0.12
HO3 BAP C . -2.32 3.26 1.91
H4'2 BAP C . -2.91 0.15 0.88
#